data_5DCW
#
_entry.id   5DCW
#
_cell.length_a   141.200
_cell.length_b   141.200
_cell.length_c   106.050
_cell.angle_alpha   90.000
_cell.angle_beta   90.000
_cell.angle_gamma   120.000
#
_symmetry.space_group_name_H-M   'H 3 2'
#
loop_
_entity.id
_entity.type
_entity.pdbx_description
1 polymer 'Iridoid synthase'
2 non-polymer 1,2-ETHANEDIOL
3 water water
#
_entity_poly.entity_id   1
_entity_poly.type   'polypeptide(L)'
_entity_poly.pdbx_seq_one_letter_code
;GPGVCKSYKSVALVVGVTGIVGSSLAEVLKLPDTPGGPWKVYGVARRPCPVWLAKKPVEYIQCDVSNNQETISKLSPLKD
ITHIFYVSWIGSEDCQTNATMFKNILNSVIPNASNLQHVCLQTGIKHYFGIFEEGSKVVPHDSPFTEDLPRLNVPNFYHD
LEDILYEETGKNNLTWSVHRPALVFGFSPCSMMNIVSTLCVYATICKHENKALVYPGSKNSWNCYADAVDADLVAEHEIW
AAVDPKAKNQVLNCNNGDVFKWKHIWKKLAEEFGIEMVGYVEGKEQVSLAELMKDKDQVWDEIVKKNNLVPTKLKEIAAF
WFADIAFCSENLISSMNKSKELGFLGFRNSMKSFVSCIDKMRDYRFIPKAF
;
_entity_poly.pdbx_strand_id   A
#
loop_
_chem_comp.id
_chem_comp.type
_chem_comp.name
_chem_comp.formula
EDO non-polymer 1,2-ETHANEDIOL 'C2 H6 O2'
#
# COMPACT_ATOMS: atom_id res chain seq x y z
N TYR A 8 -26.67 -2.12 10.23
CA TYR A 8 -25.45 -2.55 9.47
C TYR A 8 -25.58 -3.97 8.97
N LYS A 9 -25.21 -4.18 7.71
CA LYS A 9 -25.20 -5.50 7.11
C LYS A 9 -23.88 -6.21 7.36
N SER A 10 -22.77 -5.51 7.15
CA SER A 10 -21.49 -6.14 7.31
C SER A 10 -20.62 -5.31 8.25
N VAL A 11 -19.68 -6.00 8.87
CA VAL A 11 -18.85 -5.43 9.91
C VAL A 11 -17.40 -5.79 9.62
N ALA A 12 -16.65 -4.78 9.24
CA ALA A 12 -15.26 -4.94 8.80
C ALA A 12 -14.33 -4.65 9.99
N LEU A 13 -13.32 -5.51 10.16
CA LEU A 13 -12.16 -5.20 10.99
C LEU A 13 -10.99 -4.90 10.08
N VAL A 14 -10.62 -3.63 9.98
CA VAL A 14 -9.52 -3.19 9.11
C VAL A 14 -8.26 -3.09 9.96
N VAL A 15 -7.37 -4.08 9.80
CA VAL A 15 -6.13 -4.11 10.55
C VAL A 15 -5.06 -3.35 9.74
N GLY A 16 -4.64 -2.20 10.28
CA GLY A 16 -3.75 -1.31 9.59
C GLY A 16 -4.49 -0.12 9.04
N VAL A 17 -5.47 0.40 9.79
CA VAL A 17 -6.34 1.47 9.22
C VAL A 17 -5.61 2.81 8.86
N THR A 18 -4.43 3.05 9.43
CA THR A 18 -3.69 4.27 9.17
C THR A 18 -2.70 4.13 8.05
N GLY A 19 -2.59 2.92 7.51
CA GLY A 19 -1.73 2.66 6.39
C GLY A 19 -2.40 3.15 5.13
N ILE A 20 -1.68 3.04 4.03
CA ILE A 20 -2.12 3.62 2.77
C ILE A 20 -3.38 2.89 2.31
N VAL A 21 -3.35 1.56 2.32
CA VAL A 21 -4.53 0.82 1.85
C VAL A 21 -5.63 0.83 2.92
N GLY A 22 -5.25 0.67 4.18
CA GLY A 22 -6.20 0.70 5.27
C GLY A 22 -7.04 1.97 5.27
N SER A 23 -6.41 3.10 5.01
CA SER A 23 -7.15 4.38 5.01
C SER A 23 -8.11 4.50 3.83
N SER A 24 -7.73 3.92 2.68
CA SER A 24 -8.64 3.81 1.54
C SER A 24 -9.83 2.84 1.87
N LEU A 25 -9.57 1.72 2.53
CA LEU A 25 -10.68 0.83 2.94
C LEU A 25 -11.69 1.48 3.85
N ALA A 26 -11.22 2.22 4.85
CA ALA A 26 -12.13 2.97 5.74
C ALA A 26 -13.08 3.92 5.02
N GLU A 27 -12.59 4.59 3.97
CA GLU A 27 -13.35 5.49 3.17
C GLU A 27 -14.28 4.75 2.23
N VAL A 28 -13.72 3.81 1.46
CA VAL A 28 -14.48 3.12 0.44
C VAL A 28 -15.58 2.25 1.07
N LEU A 29 -15.29 1.63 2.23
CA LEU A 29 -16.30 0.82 2.93
C LEU A 29 -17.53 1.62 3.33
N LYS A 30 -17.38 2.92 3.46
CA LYS A 30 -18.46 3.83 3.85
C LYS A 30 -19.18 4.56 2.72
N LEU A 31 -18.81 4.32 1.47
CA LEU A 31 -19.48 5.01 0.37
C LEU A 31 -20.91 4.45 0.15
N PRO A 32 -21.84 5.32 -0.29
CA PRO A 32 -23.13 4.84 -0.74
C PRO A 32 -22.97 3.69 -1.75
N ASP A 33 -23.82 2.68 -1.62
CA ASP A 33 -23.90 1.61 -2.62
C ASP A 33 -22.60 0.80 -2.71
N THR A 34 -21.87 0.70 -1.60
CA THR A 34 -20.73 -0.20 -1.55
C THR A 34 -21.29 -1.59 -1.43
N PRO A 35 -20.79 -2.53 -2.26
CA PRO A 35 -21.18 -3.90 -2.06
C PRO A 35 -20.98 -4.34 -0.62
N GLY A 36 -21.94 -5.08 -0.09
CA GLY A 36 -21.84 -5.58 1.28
C GLY A 36 -22.41 -4.63 2.34
N GLY A 37 -22.77 -3.43 1.92
CA GLY A 37 -23.10 -2.36 2.83
C GLY A 37 -24.55 -2.43 3.28
N PRO A 38 -24.94 -1.63 4.28
CA PRO A 38 -24.03 -0.65 4.96
C PRO A 38 -23.00 -1.31 5.83
N TRP A 39 -21.78 -0.82 5.81
CA TRP A 39 -20.70 -1.40 6.57
C TRP A 39 -20.52 -0.64 7.86
N LYS A 40 -20.31 -1.37 8.94
CA LYS A 40 -19.68 -0.83 10.15
C LYS A 40 -18.19 -1.03 10.03
N VAL A 41 -17.40 -0.06 10.46
CA VAL A 41 -15.95 -0.24 10.33
C VAL A 41 -15.19 -0.05 11.67
N TYR A 42 -14.52 -1.12 12.09
CA TYR A 42 -13.51 -1.04 13.14
C TYR A 42 -12.13 -0.83 12.46
N GLY A 43 -11.36 0.18 12.89
CA GLY A 43 -10.00 0.39 12.34
C GLY A 43 -8.97 0.23 13.44
N VAL A 44 -8.03 -0.70 13.26
CA VAL A 44 -6.97 -0.98 14.21
C VAL A 44 -5.64 -0.39 13.73
N ALA A 45 -4.97 0.31 14.63
CA ALA A 45 -3.59 0.71 14.37
C ALA A 45 -2.86 0.99 15.69
N ARG A 46 -1.52 1.00 15.64
CA ARG A 46 -0.68 1.16 16.85
C ARG A 46 -0.76 2.58 17.45
N ARG A 47 -0.78 3.59 16.59
CA ARG A 47 -0.79 4.99 17.07
C ARG A 47 -2.14 5.44 17.64
N PRO A 48 -2.16 6.53 18.45
CA PRO A 48 -3.45 7.12 18.80
C PRO A 48 -4.19 7.63 17.57
N CYS A 49 -5.52 7.59 17.58
CA CYS A 49 -6.34 8.00 16.43
C CYS A 49 -5.90 9.35 15.81
N PRO A 50 -5.51 9.37 14.53
CA PRO A 50 -5.17 10.63 13.87
C PRO A 50 -6.39 11.55 13.70
N VAL A 51 -6.18 12.87 13.65
CA VAL A 51 -7.32 13.81 13.59
C VAL A 51 -8.14 13.62 12.31
N TRP A 52 -7.49 13.27 11.19
CA TRP A 52 -8.22 13.05 9.95
C TRP A 52 -9.27 11.91 10.17
N LEU A 53 -8.90 10.88 10.92
CA LEU A 53 -9.72 9.69 11.01
C LEU A 53 -10.75 9.81 12.15
N ALA A 54 -10.44 10.58 13.17
CA ALA A 54 -11.40 10.89 14.25
C ALA A 54 -12.74 11.47 13.76
N LYS A 55 -12.69 12.25 12.68
CA LYS A 55 -13.93 12.85 12.11
C LYS A 55 -14.72 11.90 11.17
N LYS A 56 -14.19 10.71 10.92
CA LYS A 56 -14.83 9.73 10.07
C LYS A 56 -15.68 8.74 10.91
N PRO A 57 -16.70 8.11 10.30
CA PRO A 57 -17.50 7.11 11.01
C PRO A 57 -16.78 5.77 11.10
N VAL A 58 -15.63 5.74 11.76
CA VAL A 58 -14.82 4.56 11.95
C VAL A 58 -14.65 4.37 13.43
N GLU A 59 -14.86 3.16 13.93
CA GLU A 59 -14.57 2.90 15.35
C GLU A 59 -13.10 2.56 15.50
N TYR A 60 -12.33 3.50 16.06
CA TYR A 60 -10.88 3.34 16.12
C TYR A 60 -10.46 2.53 17.34
N ILE A 61 -9.62 1.54 17.11
CA ILE A 61 -9.07 0.72 18.18
C ILE A 61 -7.56 0.88 18.16
N GLN A 62 -7.02 1.57 19.16
CA GLN A 62 -5.57 1.63 19.34
C GLN A 62 -5.07 0.33 19.93
N CYS A 63 -4.16 -0.34 19.21
CA CYS A 63 -3.69 -1.67 19.59
C CYS A 63 -2.36 -1.97 18.89
N ASP A 64 -1.38 -2.45 19.65
CA ASP A 64 -0.16 -3.03 19.11
C ASP A 64 -0.45 -4.52 18.92
N VAL A 65 -0.74 -4.90 17.68
CA VAL A 65 -1.13 -6.27 17.38
C VAL A 65 0.03 -7.27 17.50
N SER A 66 1.26 -6.80 17.67
CA SER A 66 2.36 -7.67 17.98
C SER A 66 2.34 -8.11 19.48
N ASN A 67 1.50 -7.45 20.29
CA ASN A 67 1.32 -7.82 21.73
C ASN A 67 0.03 -8.64 21.84
N ASN A 68 0.21 -9.93 22.15
N ASN A 68 0.13 -9.95 22.09
CA ASN A 68 -0.88 -10.92 22.20
CA ASN A 68 -1.09 -10.80 22.04
C ASN A 68 -2.01 -10.58 23.16
C ASN A 68 -2.09 -10.56 23.17
N GLN A 69 -1.62 -10.14 24.35
CA GLN A 69 -2.53 -9.83 25.45
C GLN A 69 -3.42 -8.69 25.04
N GLU A 70 -2.78 -7.62 24.55
CA GLU A 70 -3.43 -6.40 24.14
C GLU A 70 -4.40 -6.65 22.99
N THR A 71 -3.97 -7.46 22.01
CA THR A 71 -4.85 -7.88 20.92
C THR A 71 -6.07 -8.63 21.46
N ILE A 72 -5.85 -9.58 22.35
CA ILE A 72 -6.98 -10.24 22.99
C ILE A 72 -7.86 -9.22 23.74
N SER A 73 -7.26 -8.34 24.54
CA SER A 73 -8.04 -7.41 25.32
C SER A 73 -8.92 -6.51 24.43
N LYS A 74 -8.39 -6.05 23.32
CA LYS A 74 -9.06 -5.04 22.51
C LYS A 74 -9.91 -5.57 21.39
N LEU A 75 -9.61 -6.78 20.88
CA LEU A 75 -10.37 -7.35 19.78
C LEU A 75 -11.36 -8.44 20.18
N SER A 76 -11.09 -9.16 21.27
CA SER A 76 -12.00 -10.23 21.68
C SER A 76 -13.41 -9.73 22.09
N PRO A 77 -13.58 -8.45 22.49
CA PRO A 77 -14.97 -8.04 22.75
C PRO A 77 -15.78 -7.70 21.49
N LEU A 78 -15.16 -7.71 20.32
CA LEU A 78 -15.83 -7.25 19.08
C LEU A 78 -16.57 -8.41 18.46
N LYS A 79 -17.73 -8.71 19.00
CA LYS A 79 -18.46 -9.95 18.67
C LYS A 79 -19.12 -9.95 17.29
N ASP A 80 -19.30 -8.78 16.71
CA ASP A 80 -20.12 -8.60 15.50
C ASP A 80 -19.32 -8.58 14.21
N ILE A 81 -18.01 -8.85 14.27
CA ILE A 81 -17.18 -8.79 13.06
C ILE A 81 -17.61 -9.87 12.05
N THR A 82 -17.81 -9.47 10.80
CA THR A 82 -18.12 -10.39 9.70
C THR A 82 -16.95 -10.62 8.73
N HIS A 83 -16.08 -9.61 8.59
CA HIS A 83 -15.00 -9.62 7.61
C HIS A 83 -13.73 -9.00 8.20
N ILE A 84 -12.61 -9.72 8.10
CA ILE A 84 -11.33 -9.20 8.53
C ILE A 84 -10.52 -8.82 7.31
N PHE A 85 -9.98 -7.59 7.29
CA PHE A 85 -9.10 -7.11 6.27
C PHE A 85 -7.73 -6.84 6.91
N TYR A 86 -6.80 -7.76 6.65
CA TYR A 86 -5.48 -7.67 7.20
C TYR A 86 -4.57 -6.99 6.19
N VAL A 87 -4.39 -5.68 6.39
CA VAL A 87 -3.70 -4.81 5.43
C VAL A 87 -2.55 -4.01 6.05
N SER A 88 -2.03 -4.45 7.17
CA SER A 88 -0.89 -3.81 7.81
C SER A 88 0.35 -3.94 6.96
N TRP A 89 1.06 -2.82 6.72
CA TRP A 89 2.41 -2.86 6.09
C TRP A 89 3.28 -4.04 6.62
N ILE A 90 4.00 -4.69 5.71
CA ILE A 90 4.82 -5.86 6.04
C ILE A 90 6.27 -5.43 5.81
N GLY A 91 7.02 -5.25 6.89
N GLY A 91 7.03 -5.26 6.89
CA GLY A 91 8.43 -4.82 6.82
CA GLY A 91 8.46 -4.92 6.82
C GLY A 91 9.39 -5.95 6.52
C GLY A 91 8.84 -3.72 7.68
N CYS A 95 10.01 -11.29 9.81
CA CYS A 95 9.77 -12.73 9.83
C CYS A 95 8.74 -13.08 10.92
N GLN A 96 9.20 -13.71 12.01
CA GLN A 96 8.34 -14.19 13.10
C GLN A 96 7.35 -13.12 13.62
N THR A 97 7.73 -11.84 13.52
CA THR A 97 6.85 -10.76 13.95
C THR A 97 5.61 -10.63 13.08
N ASN A 98 5.75 -10.70 11.75
CA ASN A 98 4.56 -10.56 10.87
C ASN A 98 3.59 -11.72 10.99
N ALA A 99 4.15 -12.93 11.04
CA ALA A 99 3.39 -14.14 11.35
C ALA A 99 2.66 -14.03 12.69
N THR A 100 3.39 -13.65 13.74
CA THR A 100 2.79 -13.45 15.07
C THR A 100 1.63 -12.44 15.07
N MET A 101 1.79 -11.31 14.37
CA MET A 101 0.77 -10.28 14.37
C MET A 101 -0.54 -10.78 13.77
N PHE A 102 -0.42 -11.50 12.66
CA PHE A 102 -1.56 -12.03 11.93
C PHE A 102 -2.23 -13.14 12.75
N LYS A 103 -1.42 -14.05 13.31
CA LYS A 103 -1.88 -15.12 14.23
C LYS A 103 -2.62 -14.49 15.39
N ASN A 104 -2.08 -13.40 15.93
CA ASN A 104 -2.74 -12.70 17.07
C ASN A 104 -4.12 -12.25 16.70
N ILE A 105 -4.25 -11.65 15.52
CA ILE A 105 -5.53 -11.16 15.07
C ILE A 105 -6.51 -12.35 14.98
N LEU A 106 -6.12 -13.41 14.31
CA LEU A 106 -7.04 -14.53 14.07
C LEU A 106 -7.42 -15.26 15.36
N ASN A 107 -6.44 -15.48 16.25
CA ASN A 107 -6.69 -16.09 17.54
C ASN A 107 -7.61 -15.26 18.43
N SER A 108 -7.56 -13.92 18.31
N SER A 108 -7.57 -13.92 18.30
CA SER A 108 -8.39 -13.05 19.14
CA SER A 108 -8.39 -13.04 19.14
C SER A 108 -9.83 -12.92 18.61
C SER A 108 -9.82 -12.82 18.60
N VAL A 109 -10.04 -13.01 17.30
CA VAL A 109 -11.36 -12.77 16.66
C VAL A 109 -12.17 -14.05 16.36
N ILE A 110 -11.51 -15.05 15.81
CA ILE A 110 -12.19 -16.28 15.38
C ILE A 110 -13.06 -16.92 16.49
N PRO A 111 -12.54 -17.09 17.71
CA PRO A 111 -13.38 -17.67 18.78
C PRO A 111 -14.51 -16.77 19.28
N ASN A 112 -14.44 -15.48 19.02
CA ASN A 112 -15.40 -14.50 19.56
C ASN A 112 -16.45 -13.97 18.58
N ALA A 113 -16.15 -13.95 17.30
CA ALA A 113 -17.02 -13.35 16.31
C ALA A 113 -17.83 -14.44 15.61
N SER A 114 -19.00 -14.76 16.14
CA SER A 114 -19.77 -15.92 15.69
C SER A 114 -20.40 -15.80 14.29
N ASN A 115 -20.47 -14.61 13.74
CA ASN A 115 -20.92 -14.39 12.37
C ASN A 115 -19.77 -14.08 11.42
N LEU A 116 -18.54 -14.41 11.83
CA LEU A 116 -17.35 -14.14 11.00
C LEU A 116 -17.49 -14.97 9.72
N GLN A 117 -17.21 -14.34 8.59
CA GLN A 117 -17.40 -14.95 7.27
C GLN A 117 -16.06 -15.17 6.50
N HIS A 118 -15.22 -14.15 6.51
CA HIS A 118 -14.16 -14.05 5.51
C HIS A 118 -12.92 -13.39 6.08
N VAL A 119 -11.76 -13.89 5.69
CA VAL A 119 -10.49 -13.24 6.01
C VAL A 119 -9.76 -12.86 4.72
N CYS A 120 -9.60 -11.57 4.57
CA CYS A 120 -8.80 -10.98 3.50
C CYS A 120 -7.36 -10.74 3.98
N LEU A 121 -6.39 -11.32 3.28
CA LEU A 121 -4.94 -11.15 3.65
C LEU A 121 -4.31 -10.36 2.49
N GLN A 122 -3.71 -9.20 2.79
CA GLN A 122 -2.94 -8.47 1.79
C GLN A 122 -1.43 -8.73 1.95
N THR A 123 -0.82 -9.17 0.85
CA THR A 123 0.64 -9.36 0.78
C THR A 123 1.20 -8.36 -0.26
N GLY A 124 1.59 -8.84 -1.41
CA GLY A 124 2.15 -7.98 -2.47
C GLY A 124 2.64 -8.88 -3.59
N ILE A 125 2.86 -8.30 -4.75
CA ILE A 125 3.47 -9.05 -5.89
C ILE A 125 4.88 -9.45 -5.56
N LYS A 126 5.59 -8.53 -4.91
CA LYS A 126 6.95 -8.73 -4.50
C LYS A 126 7.10 -8.06 -3.16
N HIS A 127 7.90 -8.66 -2.31
CA HIS A 127 8.30 -8.02 -1.07
C HIS A 127 9.54 -7.13 -1.36
N TYR A 128 9.37 -5.81 -1.26
CA TYR A 128 10.45 -4.81 -1.51
C TYR A 128 11.10 -5.03 -2.92
N PHE A 129 10.26 -5.19 -3.93
CA PHE A 129 10.69 -5.40 -5.31
C PHE A 129 11.51 -6.67 -5.55
N GLY A 130 11.44 -7.64 -4.62
CA GLY A 130 12.22 -8.87 -4.74
C GLY A 130 13.68 -8.82 -4.32
N ILE A 131 14.07 -7.79 -3.59
CA ILE A 131 15.49 -7.63 -3.24
C ILE A 131 16.02 -8.78 -2.37
N PHE A 132 15.14 -9.45 -1.62
CA PHE A 132 15.55 -10.60 -0.77
C PHE A 132 15.42 -12.00 -1.43
N GLU A 133 14.88 -12.07 -2.65
CA GLU A 133 14.70 -13.37 -3.33
C GLU A 133 15.95 -13.93 -4.02
N LYS A 137 19.77 -18.14 -5.84
CA LYS A 137 20.10 -19.55 -6.03
C LYS A 137 19.13 -20.24 -7.01
N VAL A 138 17.89 -20.46 -6.58
CA VAL A 138 16.84 -21.05 -7.44
C VAL A 138 16.33 -20.00 -8.41
N VAL A 139 16.15 -20.38 -9.67
CA VAL A 139 15.76 -19.41 -10.74
C VAL A 139 14.32 -18.89 -10.57
N PRO A 140 14.16 -17.55 -10.35
CA PRO A 140 12.85 -16.98 -10.08
C PRO A 140 11.92 -17.07 -11.29
N HIS A 141 10.61 -16.93 -11.02
CA HIS A 141 9.64 -16.93 -12.09
C HIS A 141 9.83 -15.65 -12.86
N ASP A 142 9.76 -15.71 -14.19
CA ASP A 142 9.73 -14.51 -15.04
C ASP A 142 8.35 -13.85 -15.00
N SER A 143 8.31 -12.56 -15.33
N SER A 143 8.33 -12.57 -15.37
CA SER A 143 7.07 -11.81 -15.51
CA SER A 143 7.14 -11.75 -15.53
C SER A 143 6.51 -11.98 -16.93
C SER A 143 6.53 -11.97 -16.94
N PRO A 144 5.24 -11.60 -17.17
CA PRO A 144 4.19 -11.04 -16.31
C PRO A 144 3.76 -12.03 -15.24
N PHE A 145 3.76 -11.60 -14.01
CA PHE A 145 3.45 -12.47 -12.89
C PHE A 145 1.96 -12.85 -12.84
N THR A 146 1.70 -14.17 -12.84
CA THR A 146 0.36 -14.71 -12.63
C THR A 146 0.25 -15.44 -11.29
N GLU A 147 -0.99 -15.59 -10.84
CA GLU A 147 -1.23 -16.18 -9.54
C GLU A 147 -1.05 -17.73 -9.54
N ASP A 148 -1.17 -18.38 -10.68
CA ASP A 148 -0.97 -19.85 -10.73
C ASP A 148 0.50 -20.33 -10.64
N LEU A 149 1.47 -19.40 -10.76
CA LEU A 149 2.91 -19.78 -10.68
C LEU A 149 3.14 -20.44 -9.33
N PRO A 150 3.77 -21.63 -9.31
CA PRO A 150 3.96 -22.32 -8.03
C PRO A 150 4.94 -21.65 -7.08
N ARG A 151 4.92 -22.03 -5.81
CA ARG A 151 5.93 -21.55 -4.88
C ARG A 151 7.26 -22.24 -5.18
N LEU A 152 8.32 -21.46 -5.20
CA LEU A 152 9.66 -21.99 -5.40
C LEU A 152 10.28 -22.11 -4.03
N ASN A 153 11.13 -23.12 -3.84
CA ASN A 153 11.79 -23.40 -2.55
C ASN A 153 12.79 -22.31 -2.16
N VAL A 154 12.26 -21.13 -1.89
CA VAL A 154 13.00 -19.97 -1.42
C VAL A 154 12.13 -19.37 -0.31
N PRO A 155 12.68 -19.19 0.92
CA PRO A 155 11.86 -18.62 2.01
C PRO A 155 11.18 -17.30 1.62
N ASN A 156 10.00 -17.05 2.19
CA ASN A 156 9.17 -15.93 1.79
C ASN A 156 8.20 -15.63 2.92
N PHE A 157 8.22 -14.40 3.44
CA PHE A 157 7.37 -14.03 4.57
C PHE A 157 5.90 -14.03 4.14
N TYR A 158 5.65 -13.73 2.87
CA TYR A 158 4.29 -13.75 2.35
C TYR A 158 3.74 -15.17 2.31
N HIS A 159 4.54 -16.15 1.94
CA HIS A 159 4.08 -17.54 1.95
C HIS A 159 3.74 -18.08 3.36
N ASP A 160 4.47 -17.61 4.38
CA ASP A 160 4.19 -17.99 5.78
C ASP A 160 2.81 -17.44 6.26
N LEU A 161 2.48 -16.23 5.88
CA LEU A 161 1.16 -15.65 6.19
C LEU A 161 0.01 -16.37 5.45
N GLU A 162 0.21 -16.66 4.15
CA GLU A 162 -0.75 -17.49 3.40
C GLU A 162 -1.05 -18.79 4.18
N ASP A 163 -0.02 -19.43 4.68
CA ASP A 163 -0.16 -20.76 5.27
C ASP A 163 -1.04 -20.68 6.52
N ILE A 164 -0.87 -19.62 7.30
CA ILE A 164 -1.66 -19.36 8.48
C ILE A 164 -3.10 -19.06 8.07
N LEU A 165 -3.30 -18.21 7.05
CA LEU A 165 -4.63 -17.96 6.51
C LEU A 165 -5.37 -19.26 6.12
N TYR A 166 -4.70 -20.11 5.36
CA TYR A 166 -5.33 -21.31 4.83
C TYR A 166 -5.68 -22.23 6.00
N GLU A 167 -4.76 -22.37 6.94
CA GLU A 167 -4.98 -23.29 8.05
C GLU A 167 -6.14 -22.79 8.93
N GLU A 168 -6.14 -21.51 9.24
CA GLU A 168 -7.13 -21.04 10.20
C GLU A 168 -8.50 -20.91 9.56
N THR A 169 -8.56 -20.48 8.30
CA THR A 169 -9.86 -20.39 7.60
C THR A 169 -10.47 -21.82 7.36
N GLY A 170 -9.61 -22.76 7.00
CA GLY A 170 -10.02 -24.13 6.71
C GLY A 170 -10.69 -24.79 7.90
N LYS A 171 -10.03 -24.72 9.06
CA LYS A 171 -10.52 -25.32 10.30
C LYS A 171 -11.79 -24.69 10.83
N ASN A 172 -12.10 -23.47 10.40
CA ASN A 172 -13.22 -22.72 10.98
C ASN A 172 -14.33 -22.43 10.02
N ASN A 173 -14.32 -23.10 8.86
CA ASN A 173 -15.28 -22.85 7.80
C ASN A 173 -15.47 -21.36 7.39
N LEU A 174 -14.37 -20.70 7.10
CA LEU A 174 -14.37 -19.32 6.65
C LEU A 174 -13.80 -19.28 5.26
N THR A 175 -14.19 -18.29 4.49
CA THR A 175 -13.56 -18.05 3.20
C THR A 175 -12.32 -17.17 3.40
N TRP A 176 -11.43 -17.22 2.41
CA TRP A 176 -10.17 -16.47 2.40
C TRP A 176 -9.95 -15.78 1.04
N SER A 177 -9.16 -14.71 1.07
N SER A 177 -9.14 -14.73 1.03
CA SER A 177 -8.61 -14.07 -0.12
CA SER A 177 -8.59 -14.15 -0.20
C SER A 177 -7.15 -13.73 0.18
C SER A 177 -7.23 -13.55 0.07
N VAL A 178 -6.31 -13.81 -0.85
CA VAL A 178 -4.96 -13.31 -0.81
C VAL A 178 -4.85 -12.27 -1.95
N HIS A 179 -4.58 -11.04 -1.56
CA HIS A 179 -4.48 -9.94 -2.52
C HIS A 179 -3.04 -9.55 -2.65
N ARG A 180 -2.55 -9.44 -3.90
CA ARG A 180 -1.11 -9.19 -4.10
C ARG A 180 -0.99 -7.87 -4.84
N PRO A 181 -1.04 -6.72 -4.10
CA PRO A 181 -0.95 -5.41 -4.79
C PRO A 181 0.43 -5.20 -5.39
N ALA A 182 0.44 -4.51 -6.53
CA ALA A 182 1.69 -3.98 -7.09
C ALA A 182 2.17 -2.80 -6.21
N LEU A 183 3.22 -2.11 -6.62
CA LEU A 183 3.65 -0.85 -5.96
C LEU A 183 2.44 0.05 -5.79
N VAL A 184 2.18 0.49 -4.57
CA VAL A 184 1.00 1.32 -4.28
C VAL A 184 1.24 2.83 -4.48
N PHE A 185 0.35 3.44 -5.26
CA PHE A 185 0.21 4.91 -5.30
C PHE A 185 -0.93 5.31 -4.36
N GLY A 186 -0.62 6.12 -3.38
CA GLY A 186 -1.69 6.62 -2.55
C GLY A 186 -1.13 7.60 -1.57
N PHE A 187 -2.03 8.27 -0.86
CA PHE A 187 -1.63 9.13 0.23
C PHE A 187 -2.73 9.24 1.26
N SER A 188 -2.33 9.18 2.53
CA SER A 188 -3.13 9.67 3.66
C SER A 188 -2.21 10.31 4.71
N PRO A 189 -2.77 11.09 5.61
CA PRO A 189 -1.94 11.82 6.59
C PRO A 189 -0.92 11.05 7.46
N CYS A 190 -0.99 9.72 7.57
CA CYS A 190 -0.06 8.93 8.42
C CYS A 190 1.01 8.00 7.78
N SER A 191 0.80 7.49 6.58
CA SER A 191 1.59 6.33 6.14
C SER A 191 2.92 6.69 5.43
N MET A 192 4.00 6.08 5.91
CA MET A 192 5.34 6.20 5.29
C MET A 192 5.62 4.94 4.48
N MET A 193 6.82 4.85 3.91
CA MET A 193 7.17 3.87 2.85
C MET A 193 6.19 4.02 1.69
N ASN A 194 6.06 5.29 1.28
CA ASN A 194 5.07 5.74 0.31
C ASN A 194 5.79 6.44 -0.88
N ILE A 195 5.79 5.81 -2.05
CA ILE A 195 6.61 6.25 -3.19
C ILE A 195 6.26 7.65 -3.69
N VAL A 196 4.99 7.97 -3.72
CA VAL A 196 4.59 9.26 -4.29
C VAL A 196 5.06 10.37 -3.31
N SER A 197 4.84 10.16 -2.01
CA SER A 197 5.26 11.12 -1.01
C SER A 197 6.76 11.35 -1.10
N THR A 198 7.51 10.26 -1.21
CA THR A 198 8.98 10.36 -1.27
C THR A 198 9.39 11.21 -2.47
N LEU A 199 8.79 10.95 -3.62
CA LEU A 199 9.17 11.72 -4.79
C LEU A 199 8.69 13.18 -4.72
N CYS A 200 7.50 13.44 -4.20
CA CYS A 200 7.05 14.83 -3.97
C CYS A 200 7.94 15.62 -3.00
N VAL A 201 8.47 14.95 -2.00
CA VAL A 201 9.39 15.56 -1.03
C VAL A 201 10.71 15.93 -1.74
N TYR A 202 11.24 15.00 -2.54
CA TYR A 202 12.45 15.30 -3.31
C TYR A 202 12.22 16.46 -4.29
N ALA A 203 11.09 16.45 -4.98
CA ALA A 203 10.73 17.56 -5.87
C ALA A 203 10.63 18.88 -5.12
N THR A 204 10.00 18.82 -3.95
CA THR A 204 9.88 20.03 -3.09
C THR A 204 11.24 20.62 -2.63
N ILE A 205 12.19 19.75 -2.29
CA ILE A 205 13.55 20.16 -1.90
C ILE A 205 14.28 20.79 -3.07
N CYS A 206 14.24 20.11 -4.21
CA CYS A 206 14.81 20.64 -5.44
C CYS A 206 14.29 22.01 -5.74
N LYS A 207 12.97 22.19 -5.64
CA LYS A 207 12.32 23.45 -5.94
C LYS A 207 12.74 24.54 -4.95
N HIS A 208 12.79 24.17 -3.68
CA HIS A 208 13.22 25.06 -2.59
C HIS A 208 14.68 25.55 -2.77
N GLU A 209 15.52 24.68 -3.31
CA GLU A 209 16.93 24.94 -3.47
C GLU A 209 17.26 25.51 -4.85
N ASN A 210 16.25 25.81 -5.67
CA ASN A 210 16.42 26.22 -7.07
C ASN A 210 17.29 25.32 -7.93
N LYS A 211 17.08 24.01 -7.78
CA LYS A 211 17.78 23.03 -8.57
C LYS A 211 16.76 22.27 -9.42
N ALA A 212 17.26 21.64 -10.47
CA ALA A 212 16.43 20.86 -11.33
C ALA A 212 16.06 19.55 -10.64
N LEU A 213 14.99 18.95 -11.11
CA LEU A 213 14.55 17.64 -10.69
C LEU A 213 15.42 16.61 -11.40
N VAL A 214 16.53 16.23 -10.75
CA VAL A 214 17.53 15.38 -11.37
C VAL A 214 17.18 13.94 -11.05
N TYR A 215 17.04 13.14 -12.10
CA TYR A 215 16.76 11.72 -11.96
C TYR A 215 18.00 11.00 -11.52
N PRO A 216 17.95 10.33 -10.34
CA PRO A 216 19.17 9.69 -9.83
C PRO A 216 19.26 8.18 -10.15
N GLY A 217 18.27 7.67 -10.89
CA GLY A 217 18.14 6.22 -11.07
C GLY A 217 18.94 5.59 -12.18
N SER A 218 18.68 4.30 -12.38
CA SER A 218 19.28 3.53 -13.46
C SER A 218 18.64 3.83 -14.81
N LYS A 219 19.43 3.61 -15.84
CA LYS A 219 18.97 3.59 -17.23
C LYS A 219 17.78 2.68 -17.39
N ASN A 220 17.93 1.43 -16.95
CA ASN A 220 16.87 0.47 -17.19
C ASN A 220 15.55 0.81 -16.54
N SER A 221 15.57 1.34 -15.31
CA SER A 221 14.33 1.73 -14.62
C SER A 221 13.72 3.03 -15.23
N TRP A 222 14.52 3.86 -15.88
CA TRP A 222 14.03 5.02 -16.63
C TRP A 222 13.12 4.59 -17.81
N ASN A 223 13.58 3.60 -18.57
CA ASN A 223 13.03 3.23 -19.86
C ASN A 223 12.10 2.00 -19.84
N CYS A 224 12.12 1.20 -18.77
CA CYS A 224 11.37 -0.08 -18.76
C CYS A 224 9.89 0.18 -18.44
N TYR A 225 9.05 -0.78 -18.78
CA TYR A 225 7.66 -0.70 -18.39
C TYR A 225 7.55 -1.08 -16.91
N ALA A 226 6.71 -0.32 -16.20
CA ALA A 226 6.46 -0.55 -14.79
C ALA A 226 4.95 -0.53 -14.58
N ASP A 227 4.54 -1.06 -13.43
CA ASP A 227 3.16 -0.91 -13.06
C ASP A 227 3.01 -0.60 -11.57
N ALA A 228 1.78 -0.37 -11.20
CA ALA A 228 1.44 0.09 -9.88
C ALA A 228 -0.07 -0.04 -9.63
N VAL A 229 -0.51 0.34 -8.43
CA VAL A 229 -1.91 0.27 -8.05
C VAL A 229 -2.29 1.41 -7.12
N ASP A 230 -3.42 2.02 -7.43
CA ASP A 230 -4.00 3.08 -6.64
C ASP A 230 -4.54 2.42 -5.36
N ALA A 231 -4.28 3.04 -4.21
CA ALA A 231 -4.76 2.51 -2.94
C ALA A 231 -6.28 2.29 -2.90
N ASP A 232 -7.02 3.17 -3.56
CA ASP A 232 -8.48 3.05 -3.60
C ASP A 232 -8.91 1.83 -4.44
N LEU A 233 -8.10 1.47 -5.43
CA LEU A 233 -8.45 0.35 -6.30
C LEU A 233 -8.18 -0.93 -5.52
N VAL A 234 -7.11 -0.93 -4.73
CA VAL A 234 -6.83 -2.07 -3.85
C VAL A 234 -8.03 -2.31 -2.90
N ALA A 235 -8.56 -1.22 -2.30
CA ALA A 235 -9.74 -1.30 -1.41
C ALA A 235 -10.97 -1.88 -2.15
N GLU A 236 -11.22 -1.39 -3.36
CA GLU A 236 -12.34 -1.88 -4.18
C GLU A 236 -12.20 -3.37 -4.49
N HIS A 237 -10.98 -3.79 -4.79
CA HIS A 237 -10.66 -5.18 -5.13
C HIS A 237 -10.79 -6.11 -3.93
N GLU A 238 -10.31 -5.67 -2.75
CA GLU A 238 -10.51 -6.41 -1.52
C GLU A 238 -11.97 -6.53 -1.10
N ILE A 239 -12.73 -5.45 -1.22
CA ILE A 239 -14.16 -5.49 -0.94
C ILE A 239 -14.88 -6.46 -1.90
N TRP A 240 -14.55 -6.35 -3.19
CA TRP A 240 -15.17 -7.26 -4.22
C TRP A 240 -14.95 -8.75 -3.84
N ALA A 241 -13.71 -9.11 -3.56
CA ALA A 241 -13.41 -10.49 -3.16
C ALA A 241 -14.03 -10.87 -1.79
N ALA A 242 -14.25 -9.88 -0.93
CA ALA A 242 -14.95 -10.13 0.30
C ALA A 242 -16.46 -10.38 0.17
N VAL A 243 -17.08 -9.92 -0.92
CA VAL A 243 -18.52 -10.07 -1.07
C VAL A 243 -19.00 -10.90 -2.28
N ASP A 244 -18.16 -11.04 -3.31
CA ASP A 244 -18.53 -11.83 -4.48
C ASP A 244 -18.25 -13.30 -4.24
N PRO A 245 -19.29 -14.16 -4.13
CA PRO A 245 -18.97 -15.57 -3.89
C PRO A 245 -18.08 -16.23 -4.95
N LYS A 246 -18.17 -15.77 -6.18
CA LYS A 246 -17.38 -16.32 -7.25
C LYS A 246 -15.90 -15.99 -7.14
N ALA A 247 -15.59 -14.95 -6.39
CA ALA A 247 -14.20 -14.50 -6.19
C ALA A 247 -13.49 -15.11 -4.96
N LYS A 248 -14.21 -15.83 -4.11
CA LYS A 248 -13.69 -16.24 -2.81
C LYS A 248 -12.71 -17.42 -2.91
N ASN A 249 -11.82 -17.53 -1.94
CA ASN A 249 -10.82 -18.62 -1.90
C ASN A 249 -9.93 -18.58 -3.15
N GLN A 250 -9.47 -17.36 -3.47
CA GLN A 250 -8.55 -17.11 -4.59
C GLN A 250 -7.42 -16.17 -4.19
N VAL A 251 -6.22 -16.51 -4.69
CA VAL A 251 -5.08 -15.60 -4.70
C VAL A 251 -5.31 -14.67 -5.88
N LEU A 252 -5.24 -13.35 -5.71
CA LEU A 252 -5.54 -12.42 -6.74
C LEU A 252 -4.55 -11.23 -6.75
N ASN A 253 -3.92 -10.99 -7.90
CA ASN A 253 -3.09 -9.79 -8.09
C ASN A 253 -3.97 -8.59 -8.16
N CYS A 254 -3.38 -7.45 -7.87
CA CYS A 254 -4.06 -6.17 -7.97
C CYS A 254 -3.12 -5.06 -8.47
N ASN A 255 -3.35 -4.68 -9.72
CA ASN A 255 -2.73 -3.48 -10.26
C ASN A 255 -3.74 -2.64 -11.03
N ASN A 256 -3.30 -1.43 -11.45
CA ASN A 256 -4.18 -0.48 -12.15
C ASN A 256 -4.65 -0.90 -13.54
N GLY A 257 -4.06 -1.94 -14.12
CA GLY A 257 -4.55 -2.46 -15.38
C GLY A 257 -3.79 -1.95 -16.58
N ASP A 258 -2.81 -1.06 -16.33
CA ASP A 258 -2.00 -0.45 -17.41
C ASP A 258 -0.55 -0.52 -17.02
N VAL A 259 0.28 0.05 -17.87
CA VAL A 259 1.70 0.19 -17.60
C VAL A 259 2.12 1.64 -17.83
N PHE A 260 3.25 1.99 -17.23
CA PHE A 260 3.80 3.31 -17.36
C PHE A 260 5.32 3.17 -17.38
N LYS A 261 6.02 4.30 -17.53
CA LYS A 261 7.47 4.32 -17.41
C LYS A 261 7.84 5.43 -16.47
N TRP A 262 8.90 5.20 -15.69
CA TRP A 262 9.37 6.24 -14.77
C TRP A 262 9.76 7.51 -15.50
N LYS A 263 10.29 7.39 -16.72
CA LYS A 263 10.65 8.58 -17.46
C LYS A 263 9.44 9.54 -17.66
N HIS A 264 8.25 8.97 -17.86
CA HIS A 264 7.02 9.78 -18.05
C HIS A 264 6.50 10.34 -16.73
N ILE A 265 6.52 9.52 -15.69
CA ILE A 265 6.19 9.99 -14.33
C ILE A 265 7.10 11.17 -13.96
N TRP A 266 8.39 11.03 -14.25
CA TRP A 266 9.38 12.05 -13.94
C TRP A 266 9.07 13.42 -14.58
N LYS A 267 8.74 13.40 -15.87
CA LYS A 267 8.39 14.60 -16.61
C LYS A 267 7.12 15.23 -15.99
N LYS A 268 6.15 14.38 -15.68
CA LYS A 268 4.94 14.83 -15.01
C LYS A 268 5.22 15.49 -13.65
N LEU A 269 6.08 14.84 -12.89
CA LEU A 269 6.48 15.32 -11.61
C LEU A 269 7.13 16.70 -11.75
N ALA A 270 8.10 16.85 -12.64
CA ALA A 270 8.70 18.15 -12.89
C ALA A 270 7.67 19.23 -13.28
N GLU A 271 6.77 18.88 -14.19
CA GLU A 271 5.71 19.76 -14.63
C GLU A 271 4.80 20.23 -13.48
N GLU A 272 4.39 19.32 -12.64
CA GLU A 272 3.54 19.63 -11.49
C GLU A 272 4.16 20.55 -10.48
N PHE A 273 5.49 20.53 -10.38
CA PHE A 273 6.22 21.40 -9.47
C PHE A 273 6.79 22.63 -10.13
N GLY A 274 6.64 22.74 -11.45
CA GLY A 274 7.08 23.90 -12.19
C GLY A 274 8.58 24.05 -12.18
N ILE A 275 9.31 22.93 -12.24
CA ILE A 275 10.76 22.94 -12.24
C ILE A 275 11.32 22.20 -13.45
N GLU A 276 12.54 22.53 -13.80
CA GLU A 276 13.25 21.86 -14.86
C GLU A 276 13.52 20.39 -14.47
N MET A 277 13.42 19.52 -15.46
CA MET A 277 13.81 18.10 -15.38
C MET A 277 15.23 17.86 -15.89
N VAL A 278 15.95 16.94 -15.26
CA VAL A 278 17.11 16.36 -15.87
C VAL A 278 16.87 14.85 -15.79
N GLY A 279 16.59 14.27 -16.94
CA GLY A 279 16.36 12.84 -17.08
C GLY A 279 17.62 12.03 -16.99
N TYR A 280 17.50 10.75 -17.29
CA TYR A 280 18.63 9.87 -17.38
C TYR A 280 19.64 10.40 -18.40
N VAL A 281 20.92 10.39 -18.03
CA VAL A 281 21.98 10.94 -18.87
C VAL A 281 22.85 9.76 -19.28
N GLU A 282 22.91 9.48 -20.59
CA GLU A 282 23.62 8.28 -21.11
C GLU A 282 25.03 8.20 -20.54
N GLY A 283 25.34 7.06 -19.94
CA GLY A 283 26.67 6.84 -19.33
C GLY A 283 26.72 7.10 -17.83
N LYS A 284 25.93 8.07 -17.34
CA LYS A 284 25.87 8.37 -15.89
C LYS A 284 25.25 7.17 -15.15
N GLU A 285 25.92 6.71 -14.09
CA GLU A 285 25.48 5.56 -13.30
C GLU A 285 24.46 6.03 -12.28
N GLN A 286 23.62 5.09 -11.81
CA GLN A 286 22.72 5.37 -10.68
C GLN A 286 23.47 5.96 -9.45
N VAL A 287 22.88 6.98 -8.81
CA VAL A 287 23.37 7.50 -7.52
C VAL A 287 22.24 7.33 -6.50
N SER A 288 22.59 7.27 -5.23
CA SER A 288 21.59 7.01 -4.20
C SER A 288 20.89 8.31 -3.91
N LEU A 289 19.57 8.32 -4.08
CA LEU A 289 18.70 9.40 -3.57
C LEU A 289 18.77 9.55 -2.04
N ALA A 290 18.85 8.43 -1.33
CA ALA A 290 19.11 8.43 0.12
C ALA A 290 20.40 9.20 0.44
N GLU A 291 21.47 8.96 -0.33
CA GLU A 291 22.71 9.71 -0.20
C GLU A 291 22.54 11.20 -0.52
N LEU A 292 21.84 11.53 -1.60
CA LEU A 292 21.61 12.93 -1.96
C LEU A 292 20.86 13.69 -0.85
N MET A 293 19.99 12.98 -0.13
CA MET A 293 19.13 13.60 0.87
C MET A 293 19.61 13.49 2.32
N LYS A 294 20.77 12.87 2.57
CA LYS A 294 21.13 12.47 3.94
C LYS A 294 21.26 13.67 4.91
N ASP A 295 21.68 14.82 4.41
CA ASP A 295 21.86 15.99 5.26
C ASP A 295 20.73 17.03 5.06
N LYS A 296 19.55 16.61 4.60
CA LYS A 296 18.43 17.52 4.31
C LYS A 296 17.35 17.66 5.42
N ASP A 297 17.55 17.02 6.56
CA ASP A 297 16.54 17.05 7.62
C ASP A 297 16.20 18.50 8.05
N GLN A 298 17.21 19.36 8.18
CA GLN A 298 17.00 20.77 8.57
C GLN A 298 16.38 21.57 7.45
N VAL A 299 16.79 21.26 6.21
CA VAL A 299 16.18 21.89 5.04
C VAL A 299 14.69 21.61 5.04
N TRP A 300 14.31 20.36 5.27
CA TRP A 300 12.89 20.01 5.34
C TRP A 300 12.14 20.79 6.44
N ASP A 301 12.76 20.96 7.60
CA ASP A 301 12.18 21.79 8.68
C ASP A 301 11.89 23.21 8.22
N GLU A 302 12.84 23.81 7.51
CA GLU A 302 12.69 25.18 6.98
C GLU A 302 11.59 25.28 5.90
N ILE A 303 11.49 24.27 5.05
CA ILE A 303 10.40 24.18 4.04
C ILE A 303 9.02 24.10 4.69
N VAL A 304 8.90 23.27 5.73
CA VAL A 304 7.65 23.14 6.48
C VAL A 304 7.25 24.52 7.06
N LYS A 305 8.22 25.19 7.68
CA LYS A 305 7.99 26.51 8.27
C LYS A 305 7.63 27.57 7.21
N LYS A 306 8.45 27.64 6.18
CA LYS A 306 8.30 28.64 5.14
C LYS A 306 6.97 28.51 4.40
N ASN A 307 6.49 27.28 4.24
CA ASN A 307 5.25 27.01 3.51
C ASN A 307 4.06 26.66 4.42
N ASN A 308 4.20 26.85 5.73
CA ASN A 308 3.16 26.40 6.66
C ASN A 308 2.58 25.03 6.42
N LEU A 309 3.45 24.05 6.20
CA LEU A 309 3.01 22.72 5.98
C LEU A 309 2.70 22.05 7.31
N VAL A 310 1.95 20.94 7.22
CA VAL A 310 1.80 20.05 8.37
C VAL A 310 3.21 19.65 8.85
N PRO A 311 3.50 19.82 10.15
CA PRO A 311 4.86 19.48 10.57
C PRO A 311 5.14 18.00 10.44
N THR A 312 6.09 17.65 9.59
CA THR A 312 6.59 16.28 9.44
C THR A 312 8.09 16.32 9.55
N LYS A 313 8.66 15.19 9.95
CA LYS A 313 10.12 15.02 9.90
C LYS A 313 10.43 14.30 8.61
N LEU A 314 11.56 14.65 7.98
CA LEU A 314 11.96 14.10 6.68
C LEU A 314 11.97 12.58 6.70
N LYS A 315 12.51 12.02 7.78
CA LYS A 315 12.53 10.53 7.96
C LYS A 315 11.14 9.89 8.10
N GLU A 316 10.12 10.65 8.48
CA GLU A 316 8.73 10.17 8.57
C GLU A 316 7.96 10.24 7.26
N ILE A 317 8.17 11.28 6.47
CA ILE A 317 7.38 11.48 5.24
C ILE A 317 7.99 10.84 3.98
N ALA A 318 9.31 10.70 3.93
CA ALA A 318 10.02 10.12 2.78
C ALA A 318 10.87 8.90 3.14
N ALA A 319 10.90 7.93 2.22
CA ALA A 319 11.78 6.76 2.32
C ALA A 319 12.59 6.71 1.01
N PHE A 320 13.63 7.53 0.95
CA PHE A 320 14.49 7.63 -0.26
C PHE A 320 15.10 6.28 -0.71
N TRP A 321 15.47 5.45 0.26
CA TRP A 321 15.98 4.10 0.01
C TRP A 321 14.98 3.26 -0.79
N PHE A 322 13.69 3.46 -0.54
CA PHE A 322 12.62 2.77 -1.25
C PHE A 322 12.48 3.19 -2.71
N ALA A 323 12.57 4.49 -2.97
CA ALA A 323 12.72 5.02 -4.32
C ALA A 323 13.99 4.47 -5.01
N ASP A 324 15.11 4.36 -4.29
CA ASP A 324 16.32 3.82 -4.89
C ASP A 324 16.14 2.39 -5.39
N ILE A 325 15.45 1.55 -4.64
CA ILE A 325 15.16 0.18 -5.08
C ILE A 325 14.27 0.21 -6.32
N ALA A 326 13.21 1.02 -6.30
CA ALA A 326 12.35 1.24 -7.47
C ALA A 326 13.16 1.61 -8.70
N PHE A 327 14.17 2.47 -8.53
CA PHE A 327 14.96 2.94 -9.65
C PHE A 327 16.17 2.01 -10.04
N CYS A 328 16.27 0.81 -9.45
CA CYS A 328 17.13 -0.20 -10.02
C CYS A 328 16.38 -1.50 -10.23
N SER A 329 15.07 -1.40 -10.38
CA SER A 329 14.17 -2.53 -10.64
C SER A 329 13.65 -2.49 -12.06
N GLU A 330 13.35 -3.68 -12.59
CA GLU A 330 12.68 -3.82 -13.87
C GLU A 330 12.08 -5.21 -14.00
N ASN A 331 11.27 -5.41 -15.03
CA ASN A 331 10.73 -6.75 -15.31
C ASN A 331 9.79 -7.30 -14.20
N LEU A 332 8.99 -6.41 -13.63
CA LEU A 332 8.13 -6.74 -12.48
C LEU A 332 6.63 -6.62 -12.77
N ILE A 333 6.26 -6.54 -14.05
CA ILE A 333 4.87 -6.39 -14.42
C ILE A 333 4.05 -7.58 -13.93
N SER A 334 2.89 -7.31 -13.33
CA SER A 334 1.94 -8.35 -12.98
C SER A 334 0.66 -8.36 -13.84
N SER A 335 0.04 -9.53 -13.94
CA SER A 335 -1.20 -9.69 -14.74
C SER A 335 -2.49 -9.50 -13.91
N MET A 336 -3.47 -8.86 -14.53
CA MET A 336 -4.84 -8.82 -13.99
C MET A 336 -5.81 -9.72 -14.68
N ASN A 337 -5.30 -10.64 -15.51
CA ASN A 337 -6.23 -11.50 -16.28
C ASN A 337 -7.14 -12.36 -15.36
N LYS A 338 -6.61 -12.86 -14.27
CA LYS A 338 -7.40 -13.75 -13.40
C LYS A 338 -8.61 -12.96 -12.81
N SER A 339 -8.33 -11.77 -12.28
CA SER A 339 -9.37 -10.95 -11.71
C SER A 339 -10.42 -10.58 -12.79
N LYS A 340 -9.96 -10.15 -13.96
CA LYS A 340 -10.85 -9.78 -15.04
C LYS A 340 -11.71 -10.93 -15.50
N GLU A 341 -11.09 -12.09 -15.65
N GLU A 341 -11.09 -12.09 -15.65
CA GLU A 341 -11.83 -13.29 -16.03
CA GLU A 341 -11.84 -13.29 -16.00
C GLU A 341 -12.83 -13.74 -14.95
C GLU A 341 -12.88 -13.63 -14.97
N LEU A 342 -12.63 -13.30 -13.70
CA LEU A 342 -13.63 -13.51 -12.62
C LEU A 342 -14.69 -12.40 -12.52
N GLY A 343 -14.56 -11.37 -13.35
CA GLY A 343 -15.57 -10.33 -13.49
C GLY A 343 -15.20 -8.99 -12.84
N PHE A 344 -14.03 -8.90 -12.25
CA PHE A 344 -13.52 -7.60 -11.71
C PHE A 344 -12.87 -6.76 -12.80
N LEU A 345 -13.55 -5.69 -13.20
CA LEU A 345 -13.09 -4.83 -14.29
C LEU A 345 -12.68 -3.46 -13.79
N GLY A 346 -12.37 -3.33 -12.51
CA GLY A 346 -11.86 -2.08 -11.97
C GLY A 346 -10.47 -1.75 -12.48
N PHE A 347 -10.19 -0.48 -12.73
CA PHE A 347 -8.86 -0.07 -13.26
C PHE A 347 -8.61 1.37 -12.80
N ARG A 348 -7.36 1.82 -12.98
CA ARG A 348 -7.08 3.28 -12.96
C ARG A 348 -6.06 3.61 -14.04
N ASN A 349 -6.13 4.83 -14.55
CA ASN A 349 -5.07 5.40 -15.38
C ASN A 349 -3.92 5.76 -14.42
N SER A 350 -2.79 5.07 -14.53
CA SER A 350 -1.73 5.21 -13.55
C SER A 350 -1.13 6.62 -13.49
N MET A 351 -1.04 7.27 -14.65
N MET A 351 -1.03 7.29 -14.64
CA MET A 351 -0.55 8.66 -14.72
CA MET A 351 -0.55 8.69 -14.68
C MET A 351 -1.50 9.64 -14.00
C MET A 351 -1.50 9.64 -13.95
N LYS A 352 -2.80 9.43 -14.17
CA LYS A 352 -3.82 10.20 -13.46
C LYS A 352 -3.82 9.86 -11.97
N SER A 353 -3.56 8.63 -11.63
CA SER A 353 -3.50 8.24 -10.22
CA SER A 353 -3.47 8.16 -10.24
C SER A 353 -2.33 8.90 -9.52
N PHE A 354 -1.18 8.94 -10.16
CA PHE A 354 0.01 9.57 -9.60
C PHE A 354 -0.25 11.05 -9.34
N VAL A 355 -0.84 11.72 -10.32
CA VAL A 355 -1.12 13.15 -10.19
C VAL A 355 -2.15 13.38 -9.08
N SER A 356 -3.16 12.53 -9.00
N SER A 356 -3.17 12.52 -8.99
CA SER A 356 -4.15 12.68 -7.94
CA SER A 356 -4.18 12.63 -7.94
C SER A 356 -3.53 12.58 -6.54
C SER A 356 -3.56 12.56 -6.54
N CYS A 357 -2.52 11.73 -6.35
CA CYS A 357 -1.83 11.65 -5.09
C CYS A 357 -1.08 12.98 -4.80
N ILE A 358 -0.46 13.59 -5.81
CA ILE A 358 0.20 14.88 -5.62
C ILE A 358 -0.82 15.94 -5.19
N ASP A 359 -1.95 15.96 -5.90
CA ASP A 359 -3.03 16.88 -5.57
C ASP A 359 -3.48 16.69 -4.10
N LYS A 360 -3.61 15.43 -3.67
CA LYS A 360 -4.11 15.10 -2.35
C LYS A 360 -3.13 15.55 -1.29
N MET A 361 -1.83 15.36 -1.53
CA MET A 361 -0.81 15.82 -0.58
C MET A 361 -0.82 17.32 -0.43
N ARG A 362 -1.05 18.02 -1.53
CA ARG A 362 -1.23 19.48 -1.50
C ARG A 362 -2.47 19.93 -0.75
N ASP A 363 -3.60 19.30 -1.06
CA ASP A 363 -4.91 19.60 -0.43
C ASP A 363 -4.80 19.48 1.08
N TYR A 364 -4.14 18.42 1.57
CA TYR A 364 -3.88 18.18 3.00
C TYR A 364 -2.69 18.94 3.62
N ARG A 365 -2.01 19.74 2.79
CA ARG A 365 -0.99 20.67 3.23
C ARG A 365 0.34 20.02 3.66
N PHE A 366 0.60 18.82 3.13
CA PHE A 366 1.86 18.12 3.41
C PHE A 366 2.99 18.58 2.52
N ILE A 367 2.67 19.13 1.34
CA ILE A 367 3.66 19.70 0.46
C ILE A 367 3.13 21.05 0.01
N PRO A 368 4.02 21.94 -0.42
CA PRO A 368 3.55 23.26 -0.82
C PRO A 368 2.57 23.23 -2.00
N LYS A 369 1.76 24.27 -2.09
CA LYS A 369 0.94 24.43 -3.28
C LYS A 369 1.78 24.69 -4.52
N ALA A 370 1.12 24.46 -5.65
CA ALA A 370 1.76 24.52 -6.96
C ALA A 370 2.11 25.92 -7.34
N PHE A 371 1.35 26.89 -6.83
CA PHE A 371 1.55 28.26 -7.15
C PHE A 371 0.85 29.08 -6.07
C1 EDO B . 1.37 19.11 -15.54
O1 EDO B . 1.57 18.26 -16.66
C2 EDO B . -0.13 19.17 -15.21
O2 EDO B . -0.56 17.91 -14.71
C1 EDO C . -5.08 7.73 -4.94
O1 EDO C . -5.65 6.87 -3.95
C2 EDO C . -4.93 9.17 -4.42
O2 EDO C . -6.07 9.93 -4.81
C1 EDO D . -21.21 -9.45 2.61
O1 EDO D . -21.78 -9.45 3.92
C2 EDO D . -21.13 -10.90 2.11
O2 EDO D . -19.90 -11.49 2.53
C1 EDO E . 16.63 7.41 3.51
O1 EDO E . 17.19 7.64 4.82
C2 EDO E . 15.16 7.15 3.65
O2 EDO E . 14.40 8.34 3.57
#